data_2YVS
#
_entry.id   2YVS
#
_cell.length_a   69.880
_cell.length_b   71.690
_cell.length_c   89.580
_cell.angle_alpha   90.00
_cell.angle_beta   90.00
_cell.angle_gamma   90.00
#
_symmetry.space_group_name_H-M   'P 21 21 21'
#
loop_
_entity.id
_entity.type
_entity.pdbx_description
1 polymer 'Glycolate oxidase subunit GlcE'
2 water water
#
_entity_poly.entity_id   1
_entity_poly.type   'polypeptide(L)'
_entity_poly.pdbx_seq_one_letter_code
;MEVHAADQYLVAPGEADLLEVHARLAGTGLFPPFPPVELPGGVGGLVARGGFAQTFFFPAEVLGLTFRTPKGRRVRAGGV
VVKNVQGYDLVRLFVGSFGLLGRAEEVVLRLRPGRAQAFLRRPFSGSFPRLVPTPRFLFALEDEEGPWLYAYHFGHPKEV
ERFREAFGGEEARPLDLRPRFPRGLGLGEGPLWDLRFRYQDGGASPPPPPAFLRLARVL
;
_entity_poly.pdbx_strand_id   A,B
#
# COMPACT_ATOMS: atom_id res chain seq x y z
N MET A 1 16.79 -17.24 -8.80
CA MET A 1 15.56 -16.42 -8.88
C MET A 1 14.99 -16.49 -10.30
N GLU A 2 13.71 -16.17 -10.43
CA GLU A 2 13.04 -16.19 -11.73
C GLU A 2 12.54 -14.79 -12.07
N VAL A 3 12.95 -14.27 -13.22
CA VAL A 3 12.51 -12.95 -13.64
C VAL A 3 11.35 -13.09 -14.62
N HIS A 4 10.18 -12.60 -14.22
CA HIS A 4 8.99 -12.64 -15.08
C HIS A 4 8.88 -11.25 -15.71
N ALA A 5 9.78 -10.99 -16.66
CA ALA A 5 9.85 -9.69 -17.33
C ALA A 5 8.55 -9.17 -17.92
N ALA A 6 7.90 -10.01 -18.73
CA ALA A 6 6.64 -9.61 -19.37
C ALA A 6 5.52 -9.27 -18.39
N ASP A 7 5.48 -9.94 -17.25
CA ASP A 7 4.45 -9.68 -16.25
C ASP A 7 4.96 -8.71 -15.19
N GLN A 8 6.20 -8.29 -15.38
CA GLN A 8 6.87 -7.35 -14.50
C GLN A 8 6.87 -7.67 -13.01
N TYR A 9 7.36 -8.86 -12.67
CA TYR A 9 7.50 -9.25 -11.28
C TYR A 9 8.66 -10.22 -11.17
N LEU A 10 9.19 -10.36 -9.96
CA LEU A 10 10.32 -11.23 -9.72
C LEU A 10 10.04 -12.20 -8.57
N VAL A 11 10.52 -13.43 -8.73
CA VAL A 11 10.37 -14.44 -7.68
C VAL A 11 11.80 -14.73 -7.26
N ALA A 12 12.08 -14.57 -5.97
CA ALA A 12 13.43 -14.79 -5.47
C ALA A 12 13.46 -15.44 -4.10
N PRO A 13 14.49 -16.25 -3.84
CA PRO A 13 14.57 -16.88 -2.52
C PRO A 13 14.86 -15.76 -1.54
N GLY A 14 14.46 -15.95 -0.28
CA GLY A 14 14.69 -14.94 0.73
C GLY A 14 16.15 -14.58 0.92
N GLU A 15 17.04 -15.53 0.64
CA GLU A 15 18.47 -15.28 0.81
C GLU A 15 19.15 -14.59 -0.37
N ALA A 16 18.41 -14.33 -1.44
CA ALA A 16 19.01 -13.67 -2.60
C ALA A 16 19.54 -12.29 -2.16
N ASP A 17 20.75 -11.95 -2.59
CA ASP A 17 21.32 -10.66 -2.21
C ASP A 17 20.71 -9.55 -3.04
N LEU A 18 20.63 -8.36 -2.45
CA LEU A 18 20.06 -7.20 -3.11
C LEU A 18 20.80 -6.84 -4.40
N LEU A 19 22.13 -6.91 -4.36
CA LEU A 19 22.93 -6.61 -5.54
C LEU A 19 22.86 -7.73 -6.58
N GLU A 20 22.59 -8.96 -6.17
CA GLU A 20 22.49 -10.02 -7.18
C GLU A 20 21.18 -9.78 -7.95
N VAL A 21 20.17 -9.29 -7.26
CA VAL A 21 18.90 -9.01 -7.93
C VAL A 21 19.12 -7.89 -8.95
N HIS A 22 19.87 -6.87 -8.56
CA HIS A 22 20.13 -5.77 -9.48
C HIS A 22 20.92 -6.24 -10.70
N ALA A 23 21.93 -7.07 -10.48
CA ALA A 23 22.76 -7.58 -11.57
C ALA A 23 21.88 -8.39 -12.54
N ARG A 24 20.96 -9.15 -11.97
CA ARG A 24 20.05 -9.98 -12.75
C ARG A 24 19.09 -9.13 -13.58
N LEU A 25 18.77 -7.94 -13.07
CA LEU A 25 17.85 -7.05 -13.77
C LEU A 25 18.58 -5.97 -14.58
N ALA A 26 19.88 -5.85 -14.40
CA ALA A 26 20.64 -4.84 -15.13
C ALA A 26 20.43 -5.02 -16.63
N GLY A 27 20.04 -3.94 -17.30
CA GLY A 27 19.83 -4.00 -18.73
C GLY A 27 18.45 -4.47 -19.19
N THR A 28 17.57 -4.76 -18.24
CA THR A 28 16.23 -5.25 -18.59
C THR A 28 15.20 -4.13 -18.67
N GLY A 29 15.54 -2.95 -18.16
CA GLY A 29 14.60 -1.85 -18.18
C GLY A 29 13.60 -1.98 -17.04
N LEU A 30 13.83 -2.95 -16.16
CA LEU A 30 12.95 -3.20 -15.02
C LEU A 30 13.75 -3.02 -13.72
N PHE A 31 13.15 -2.37 -12.73
CA PHE A 31 13.83 -2.12 -11.46
C PHE A 31 13.11 -2.69 -10.23
N PRO A 32 13.90 -3.18 -9.26
CA PRO A 32 13.35 -3.75 -8.02
C PRO A 32 13.01 -2.61 -7.06
N PRO A 33 12.24 -2.90 -6.00
CA PRO A 33 11.84 -1.88 -5.03
C PRO A 33 12.91 -1.55 -3.97
N PHE A 34 14.16 -1.46 -4.41
CA PHE A 34 15.27 -1.12 -3.53
C PHE A 34 16.46 -0.63 -4.35
N PRO A 35 17.27 0.26 -3.76
CA PRO A 35 18.44 0.80 -4.45
C PRO A 35 19.61 -0.18 -4.53
N PRO A 36 20.67 0.19 -5.28
CA PRO A 36 21.87 -0.64 -5.45
C PRO A 36 22.72 -0.60 -4.18
N VAL A 37 22.18 -1.13 -3.09
CA VAL A 37 22.90 -1.15 -1.81
C VAL A 37 22.70 -2.50 -1.14
N GLU A 38 23.80 -3.22 -0.91
CA GLU A 38 23.70 -4.51 -0.25
C GLU A 38 23.57 -4.29 1.25
N LEU A 39 22.63 -5.01 1.86
CA LEU A 39 22.36 -4.91 3.28
C LEU A 39 22.18 -6.33 3.83
N PRO A 40 22.57 -6.56 5.09
CA PRO A 40 22.44 -7.89 5.70
C PRO A 40 21.03 -8.47 5.55
N GLY A 41 20.94 -9.77 5.29
CA GLY A 41 19.62 -10.40 5.19
C GLY A 41 19.02 -10.64 3.82
N GLY A 42 19.61 -10.07 2.77
CA GLY A 42 19.07 -10.28 1.43
C GLY A 42 17.68 -9.70 1.23
N VAL A 43 16.99 -10.13 0.19
CA VAL A 43 15.65 -9.63 -0.08
C VAL A 43 14.65 -10.03 1.01
N GLY A 44 14.84 -11.21 1.60
CA GLY A 44 13.95 -11.66 2.65
C GLY A 44 14.07 -10.73 3.85
N GLY A 45 15.30 -10.40 4.22
CA GLY A 45 15.52 -9.50 5.34
C GLY A 45 14.96 -8.12 5.03
N LEU A 46 15.16 -7.65 3.80
CA LEU A 46 14.65 -6.33 3.39
C LEU A 46 13.13 -6.27 3.52
N VAL A 47 12.47 -7.33 3.09
CA VAL A 47 11.02 -7.40 3.16
C VAL A 47 10.58 -7.43 4.61
N ALA A 48 11.29 -8.21 5.42
CA ALA A 48 10.96 -8.30 6.84
C ALA A 48 11.05 -6.93 7.50
N ARG A 49 12.05 -6.13 7.13
CA ARG A 49 12.21 -4.81 7.72
C ARG A 49 11.25 -3.79 7.13
N GLY A 50 10.53 -4.19 6.09
CA GLY A 50 9.57 -3.29 5.47
C GLY A 50 10.19 -2.33 4.46
N GLY A 51 11.32 -2.71 3.87
CA GLY A 51 11.96 -1.86 2.88
C GLY A 51 13.12 -1.01 3.36
N PHE A 52 13.90 -0.51 2.41
CA PHE A 52 15.04 0.35 2.72
C PHE A 52 15.05 1.57 1.82
N ALA A 53 15.20 2.74 2.42
CA ALA A 53 15.30 4.00 1.70
C ALA A 53 14.14 4.47 0.83
N GLN A 54 12.99 3.81 0.91
CA GLN A 54 11.86 4.21 0.07
C GLN A 54 11.24 5.57 0.43
N THR A 55 10.63 6.22 -0.57
CA THR A 55 9.96 7.50 -0.37
C THR A 55 8.50 7.25 -0.72
N PHE A 56 8.20 5.98 -0.99
CA PHE A 56 6.86 5.51 -1.38
C PHE A 56 6.42 4.39 -0.44
N PHE A 57 5.17 3.93 -0.58
CA PHE A 57 4.65 2.87 0.26
C PHE A 57 5.23 1.53 -0.22
N PHE A 58 6.29 1.08 0.44
CA PHE A 58 6.97 -0.16 0.08
C PHE A 58 6.13 -1.44 0.06
N PRO A 59 5.34 -1.68 1.11
CA PRO A 59 4.51 -2.89 1.15
C PRO A 59 3.72 -3.25 -0.10
N ALA A 60 3.22 -2.25 -0.82
CA ALA A 60 2.45 -2.51 -2.03
C ALA A 60 3.29 -3.12 -3.16
N GLU A 61 4.61 -2.95 -3.08
CA GLU A 61 5.52 -3.49 -4.09
C GLU A 61 5.82 -4.96 -3.85
N VAL A 62 5.28 -5.50 -2.77
CA VAL A 62 5.46 -6.90 -2.45
C VAL A 62 4.15 -7.60 -2.80
N LEU A 63 4.18 -8.44 -3.83
CA LEU A 63 2.98 -9.14 -4.32
C LEU A 63 2.71 -10.46 -3.61
N GLY A 64 3.78 -11.11 -3.16
CA GLY A 64 3.61 -12.39 -2.50
C GLY A 64 4.86 -12.78 -1.76
N LEU A 65 4.74 -13.80 -0.92
CA LEU A 65 5.88 -14.28 -0.15
C LEU A 65 5.50 -15.56 0.56
N THR A 66 6.53 -16.33 0.90
CA THR A 66 6.35 -17.59 1.61
C THR A 66 7.30 -17.56 2.79
N PHE A 67 6.76 -17.76 4.00
CA PHE A 67 7.62 -17.75 5.17
C PHE A 67 7.40 -18.99 6.04
N ARG A 68 8.43 -19.32 6.81
CA ARG A 68 8.38 -20.46 7.71
C ARG A 68 8.25 -19.90 9.12
N THR A 69 7.14 -20.20 9.78
CA THR A 69 6.90 -19.70 11.13
C THR A 69 7.89 -20.26 12.15
N PRO A 70 8.00 -19.60 13.31
CA PRO A 70 8.91 -20.05 14.37
C PRO A 70 8.59 -21.48 14.80
N LYS A 71 7.32 -21.85 14.70
CA LYS A 71 6.88 -23.20 15.09
C LYS A 71 7.07 -24.26 14.02
N GLY A 72 7.46 -23.85 12.81
CA GLY A 72 7.68 -24.84 11.76
C GLY A 72 6.76 -24.82 10.56
N ARG A 73 5.61 -24.18 10.67
CA ARG A 73 4.69 -24.11 9.55
C ARG A 73 5.19 -23.18 8.45
N ARG A 74 4.77 -23.44 7.23
CA ARG A 74 5.14 -22.57 6.12
C ARG A 74 3.84 -22.04 5.57
N VAL A 75 3.77 -20.74 5.36
CA VAL A 75 2.56 -20.18 4.82
C VAL A 75 2.89 -19.37 3.58
N ARG A 76 2.14 -19.63 2.51
CA ARG A 76 2.34 -18.95 1.25
C ARG A 76 1.28 -17.86 1.19
N ALA A 77 1.72 -16.62 0.98
CA ALA A 77 0.81 -15.48 0.94
C ALA A 77 0.83 -14.71 -0.38
N GLY A 78 -0.30 -14.06 -0.68
CA GLY A 78 -0.41 -13.27 -1.90
C GLY A 78 -0.29 -14.05 -3.19
N GLY A 79 0.26 -13.42 -4.22
CA GLY A 79 0.42 -14.07 -5.51
C GLY A 79 -0.38 -13.42 -6.63
N VAL A 80 0.11 -12.30 -7.15
CA VAL A 80 -0.55 -11.56 -8.23
C VAL A 80 -1.58 -12.36 -9.01
N VAL A 81 -2.85 -12.18 -8.66
CA VAL A 81 -3.94 -12.89 -9.33
C VAL A 81 -3.78 -14.40 -9.06
N VAL A 82 -4.76 -14.96 -8.36
CA VAL A 82 -4.76 -16.39 -8.01
C VAL A 82 -4.02 -16.68 -6.71
N LYS A 83 -4.76 -16.59 -5.61
CA LYS A 83 -4.25 -16.85 -4.27
C LYS A 83 -5.50 -17.20 -3.48
N ASN A 84 -6.49 -16.30 -3.62
CA ASN A 84 -7.79 -16.39 -3.00
C ASN A 84 -8.50 -15.14 -3.50
N VAL A 85 -9.69 -14.85 -2.97
CA VAL A 85 -10.41 -13.66 -3.39
C VAL A 85 -9.83 -12.47 -2.63
N GLN A 86 -8.98 -11.70 -3.30
CA GLN A 86 -8.30 -10.54 -2.72
C GLN A 86 -8.89 -10.03 -1.41
N GLY A 87 -8.27 -10.43 -0.32
CA GLY A 87 -8.69 -10.04 1.02
C GLY A 87 -7.77 -10.81 1.96
N TYR A 88 -7.79 -10.50 3.25
CA TYR A 88 -6.95 -11.21 4.21
C TYR A 88 -5.49 -11.04 3.79
N ASP A 89 -4.97 -9.85 4.06
CA ASP A 89 -3.63 -9.47 3.66
C ASP A 89 -2.47 -10.06 4.46
N LEU A 90 -2.16 -11.32 4.20
CA LEU A 90 -1.04 -12.00 4.88
C LEU A 90 0.28 -11.40 4.42
N VAL A 91 0.31 -10.85 3.22
CA VAL A 91 1.55 -10.26 2.71
C VAL A 91 1.96 -9.04 3.51
N ARG A 92 1.07 -8.05 3.65
CA ARG A 92 1.40 -6.85 4.39
C ARG A 92 1.60 -7.16 5.87
N LEU A 93 0.98 -8.23 6.33
CA LEU A 93 1.14 -8.64 7.72
C LEU A 93 2.61 -9.00 7.96
N PHE A 94 3.21 -9.73 7.01
CA PHE A 94 4.60 -10.11 7.14
C PHE A 94 5.56 -8.95 6.87
N VAL A 95 5.28 -8.17 5.83
CA VAL A 95 6.14 -7.04 5.51
C VAL A 95 6.26 -6.11 6.73
N GLY A 96 7.49 -5.89 7.18
CA GLY A 96 7.72 -5.04 8.33
C GLY A 96 7.56 -5.73 9.67
N SER A 97 7.49 -7.07 9.67
CA SER A 97 7.34 -7.81 10.92
C SER A 97 8.69 -8.17 11.56
N PHE A 98 9.78 -7.73 10.93
CA PHE A 98 11.14 -7.94 11.47
C PHE A 98 11.56 -9.34 11.92
N GLY A 99 11.00 -10.38 11.33
CA GLY A 99 11.39 -11.73 11.70
C GLY A 99 10.54 -12.32 12.81
N LEU A 100 9.76 -11.49 13.48
CA LEU A 100 8.90 -11.92 14.58
C LEU A 100 7.98 -13.08 14.16
N LEU A 101 7.52 -13.03 12.91
CA LEU A 101 6.61 -14.05 12.38
C LEU A 101 7.34 -15.17 11.65
N GLY A 102 8.66 -15.09 11.60
CA GLY A 102 9.42 -16.14 10.93
C GLY A 102 10.30 -15.60 9.82
N ARG A 103 10.88 -16.53 9.04
CA ARG A 103 11.77 -16.18 7.95
C ARG A 103 11.14 -16.31 6.57
N ALA A 104 11.40 -15.31 5.72
CA ALA A 104 10.89 -15.33 4.35
C ALA A 104 11.74 -16.29 3.53
N GLU A 105 11.12 -17.34 3.01
CA GLU A 105 11.84 -18.31 2.19
C GLU A 105 11.76 -17.92 0.73
N GLU A 106 10.70 -17.18 0.39
CA GLU A 106 10.50 -16.72 -0.98
C GLU A 106 9.76 -15.39 -0.97
N VAL A 107 10.12 -14.50 -1.89
CA VAL A 107 9.44 -13.22 -1.99
C VAL A 107 9.08 -12.97 -3.45
N VAL A 108 7.92 -12.40 -3.68
CA VAL A 108 7.48 -12.09 -5.03
C VAL A 108 7.34 -10.58 -5.06
N LEU A 109 8.19 -9.93 -5.85
CA LEU A 109 8.18 -8.48 -5.92
C LEU A 109 7.79 -7.93 -7.27
N ARG A 110 7.12 -6.80 -7.23
CA ARG A 110 6.70 -6.10 -8.43
C ARG A 110 7.95 -5.37 -8.93
N LEU A 111 8.13 -5.33 -10.25
CA LEU A 111 9.26 -4.63 -10.85
C LEU A 111 8.67 -3.44 -11.59
N ARG A 112 9.36 -2.31 -11.57
CA ARG A 112 8.88 -1.10 -12.24
C ARG A 112 9.77 -0.76 -13.45
N PRO A 113 9.15 -0.37 -14.57
CA PRO A 113 9.87 -0.01 -15.80
C PRO A 113 10.66 1.30 -15.72
N GLY A 114 11.75 1.38 -16.46
CA GLY A 114 12.57 2.58 -16.49
C GLY A 114 13.56 2.54 -17.63
N ARG A 115 13.67 3.66 -18.36
CA ARG A 115 14.61 3.73 -19.48
C ARG A 115 15.85 4.53 -19.12
N ALA A 116 15.94 4.93 -17.85
CA ALA A 116 17.08 5.71 -17.37
C ALA A 116 17.10 5.64 -15.84
N GLN A 117 18.28 5.81 -15.25
CA GLN A 117 18.42 5.76 -13.81
C GLN A 117 19.53 6.71 -13.34
N ALA A 118 19.53 7.01 -12.05
CA ALA A 118 20.54 7.88 -11.47
C ALA A 118 20.73 7.58 -9.98
N PHE A 119 21.97 7.31 -9.61
CA PHE A 119 22.32 7.04 -8.23
C PHE A 119 23.34 8.13 -7.93
N LEU A 120 22.96 9.07 -7.08
CA LEU A 120 23.81 10.21 -6.74
C LEU A 120 23.96 10.42 -5.24
N ARG A 121 24.95 11.21 -4.87
CA ARG A 121 25.15 11.55 -3.46
C ARG A 121 25.69 12.98 -3.35
N ARG A 122 25.43 13.61 -2.22
CA ARG A 122 25.91 14.96 -1.96
C ARG A 122 26.00 15.11 -0.45
N PRO A 123 26.80 16.07 0.05
CA PRO A 123 26.92 16.24 1.50
C PRO A 123 25.55 16.43 2.16
N PHE A 124 25.31 15.66 3.22
CA PHE A 124 24.05 15.72 3.95
C PHE A 124 24.05 17.01 4.77
N SER A 125 22.94 17.73 4.73
CA SER A 125 22.82 18.99 5.43
C SER A 125 22.36 18.85 6.89
N GLY A 126 21.84 17.67 7.25
CA GLY A 126 21.38 17.46 8.61
C GLY A 126 19.91 17.03 8.68
N SER A 127 19.18 17.25 7.58
CA SER A 127 17.79 16.87 7.49
C SER A 127 17.48 16.52 6.05
N PHE A 128 16.50 15.66 5.83
CA PHE A 128 16.13 15.24 4.49
C PHE A 128 15.34 16.32 3.75
N PRO A 129 15.81 16.69 2.56
CA PRO A 129 15.13 17.73 1.77
C PRO A 129 13.89 17.19 1.04
N ARG A 130 12.99 18.11 0.69
CA ARG A 130 11.79 17.76 -0.06
C ARG A 130 12.18 18.01 -1.51
N LEU A 131 12.59 16.96 -2.21
CA LEU A 131 13.02 17.09 -3.61
C LEU A 131 11.88 17.09 -4.62
N VAL A 132 12.13 17.71 -5.75
CA VAL A 132 11.17 17.79 -6.85
C VAL A 132 11.93 17.69 -8.17
N PRO A 133 11.72 16.60 -8.92
CA PRO A 133 10.83 15.49 -8.56
C PRO A 133 11.41 14.69 -7.41
N THR A 134 10.55 14.05 -6.63
CA THR A 134 11.01 13.26 -5.50
C THR A 134 11.54 11.91 -6.01
N PRO A 135 12.78 11.56 -5.63
CA PRO A 135 13.39 10.30 -6.07
C PRO A 135 12.73 9.10 -5.38
N ARG A 136 12.79 7.94 -6.03
CA ARG A 136 12.19 6.72 -5.47
C ARG A 136 12.83 6.31 -4.15
N PHE A 137 14.11 6.63 -3.99
CA PHE A 137 14.86 6.28 -2.78
C PHE A 137 15.73 7.41 -2.30
N LEU A 138 15.86 7.51 -0.98
CA LEU A 138 16.64 8.56 -0.34
C LEU A 138 17.12 8.04 1.01
N PHE A 139 18.40 8.24 1.31
CA PHE A 139 18.94 7.81 2.60
C PHE A 139 20.22 8.57 2.93
N ALA A 140 20.66 8.46 4.17
CA ALA A 140 21.89 9.15 4.57
C ALA A 140 22.88 8.11 5.10
N LEU A 141 24.15 8.29 4.75
CA LEU A 141 25.19 7.37 5.17
C LEU A 141 26.46 8.13 5.52
N GLU A 142 27.03 7.83 6.68
CA GLU A 142 28.25 8.48 7.10
C GLU A 142 29.47 7.69 6.66
N ASP A 143 30.51 8.41 6.27
CA ASP A 143 31.78 7.81 5.85
C ASP A 143 32.84 8.65 6.56
N GLU A 144 34.11 8.28 6.37
CA GLU A 144 35.20 9.01 7.01
C GLU A 144 35.03 10.51 6.84
N GLU A 145 34.70 10.94 5.62
CA GLU A 145 34.51 12.36 5.32
C GLU A 145 33.37 13.00 6.12
N GLY A 146 32.24 12.31 6.19
CA GLY A 146 31.11 12.83 6.92
C GLY A 146 29.80 12.25 6.40
N PRO A 147 28.64 12.78 6.81
CA PRO A 147 27.35 12.26 6.35
C PRO A 147 27.05 12.63 4.90
N TRP A 148 26.54 11.67 4.14
CA TRP A 148 26.19 11.89 2.75
C TRP A 148 24.73 11.56 2.49
N LEU A 149 24.10 12.38 1.67
CA LEU A 149 22.70 12.16 1.29
C LEU A 149 22.75 11.41 -0.03
N TYR A 150 22.16 10.23 -0.07
CA TYR A 150 22.14 9.43 -1.30
C TYR A 150 20.73 9.39 -1.86
N ALA A 151 20.62 9.44 -3.18
CA ALA A 151 19.33 9.37 -3.83
C ALA A 151 19.42 8.48 -5.07
N TYR A 152 18.43 7.60 -5.20
CA TYR A 152 18.39 6.69 -6.35
C TYR A 152 17.03 6.83 -7.01
N HIS A 153 17.03 7.05 -8.31
CA HIS A 153 15.78 7.20 -9.04
C HIS A 153 15.87 6.57 -10.42
N PHE A 154 14.71 6.20 -10.97
CA PHE A 154 14.67 5.61 -12.29
C PHE A 154 13.33 5.96 -12.92
N GLY A 155 13.23 5.74 -14.23
CA GLY A 155 11.99 6.06 -14.93
C GLY A 155 12.26 6.62 -16.31
N HIS A 156 11.43 7.58 -16.73
CA HIS A 156 11.56 8.21 -18.03
C HIS A 156 12.85 9.01 -18.10
N PRO A 157 13.59 8.89 -19.22
CA PRO A 157 14.86 9.60 -19.42
C PRO A 157 14.81 11.07 -19.04
N LYS A 158 13.69 11.74 -19.32
CA LYS A 158 13.57 13.15 -19.01
C LYS A 158 13.27 13.39 -17.53
N GLU A 159 12.67 12.40 -16.89
CA GLU A 159 12.36 12.52 -15.46
C GLU A 159 13.68 12.45 -14.71
N VAL A 160 14.46 11.41 -15.00
CA VAL A 160 15.75 11.20 -14.38
C VAL A 160 16.68 12.39 -14.64
N GLU A 161 16.66 12.90 -15.87
CA GLU A 161 17.50 14.04 -16.22
C GLU A 161 17.19 15.24 -15.33
N ARG A 162 15.90 15.53 -15.15
CA ARG A 162 15.49 16.64 -14.32
C ARG A 162 15.90 16.42 -12.86
N PHE A 163 15.90 15.15 -12.44
CA PHE A 163 16.29 14.84 -11.06
C PHE A 163 17.76 15.17 -10.88
N ARG A 164 18.59 14.72 -11.82
CA ARG A 164 20.03 14.97 -11.76
C ARG A 164 20.29 16.47 -11.66
N GLU A 165 19.44 17.25 -12.32
CA GLU A 165 19.56 18.71 -12.35
C GLU A 165 19.27 19.35 -10.98
N ALA A 166 18.17 18.94 -10.36
CA ALA A 166 17.77 19.48 -9.07
C ALA A 166 18.61 18.98 -7.90
N PHE A 167 18.94 17.70 -7.91
CA PHE A 167 19.71 17.11 -6.83
C PHE A 167 21.17 17.55 -6.81
N GLY A 168 21.78 17.65 -8.00
CA GLY A 168 23.17 18.02 -8.08
C GLY A 168 24.04 16.89 -7.56
N GLY A 169 25.02 17.22 -6.72
CA GLY A 169 25.89 16.21 -6.17
C GLY A 169 26.81 15.51 -7.13
N GLU A 170 27.16 14.27 -6.81
CA GLU A 170 28.05 13.46 -7.65
C GLU A 170 27.49 12.07 -7.89
N GLU A 171 27.95 11.44 -8.96
CA GLU A 171 27.52 10.09 -9.33
C GLU A 171 28.00 9.10 -8.27
N ALA A 172 27.13 8.17 -7.87
CA ALA A 172 27.49 7.17 -6.87
C ALA A 172 27.39 5.77 -7.46
N ARG A 173 28.26 4.87 -7.02
CA ARG A 173 28.25 3.50 -7.51
C ARG A 173 27.64 2.59 -6.44
N PRO A 174 27.23 1.36 -6.83
CA PRO A 174 26.64 0.42 -5.88
C PRO A 174 27.46 0.28 -4.61
N LEU A 175 26.76 0.16 -3.49
CA LEU A 175 27.38 0.02 -2.18
C LEU A 175 27.14 -1.36 -1.57
N ASP A 176 28.11 -1.83 -0.79
CA ASP A 176 27.99 -3.10 -0.08
C ASP A 176 28.24 -2.73 1.37
N LEU A 177 27.17 -2.67 2.16
CA LEU A 177 27.31 -2.29 3.56
C LEU A 177 27.34 -3.44 4.57
N ARG A 178 27.36 -4.68 4.09
CA ARG A 178 27.40 -5.82 5.00
C ARG A 178 28.62 -5.74 5.94
N PRO A 179 29.78 -5.27 5.44
CA PRO A 179 30.97 -5.18 6.30
C PRO A 179 30.82 -4.19 7.44
N ARG A 180 29.90 -3.24 7.28
CA ARG A 180 29.68 -2.23 8.32
C ARG A 180 28.55 -2.64 9.28
N PHE A 181 27.87 -3.73 8.97
CA PHE A 181 26.79 -4.23 9.82
C PHE A 181 26.90 -5.76 9.97
N PRO A 182 28.10 -6.24 10.35
CA PRO A 182 28.33 -7.68 10.52
C PRO A 182 27.45 -8.40 11.53
N ARG A 183 26.96 -7.67 12.53
CA ARG A 183 26.10 -8.29 13.53
C ARG A 183 24.62 -8.12 13.17
N GLY A 184 24.35 -7.61 11.97
CA GLY A 184 22.99 -7.43 11.54
C GLY A 184 22.53 -5.98 11.45
N LEU A 185 21.54 -5.72 10.60
CA LEU A 185 21.03 -4.37 10.43
C LEU A 185 19.86 -4.10 11.36
N GLY A 186 20.15 -3.72 12.60
CA GLY A 186 19.11 -3.42 13.56
C GLY A 186 18.88 -1.92 13.68
N LEU A 187 18.18 -1.51 14.74
CA LEU A 187 17.88 -0.11 14.98
C LEU A 187 18.78 0.49 16.05
N GLY A 188 19.23 1.72 15.82
CA GLY A 188 20.11 2.36 16.79
C GLY A 188 20.75 3.62 16.27
N GLU A 189 21.71 4.16 17.02
CA GLU A 189 22.38 5.39 16.62
C GLU A 189 23.60 5.06 15.77
N GLY A 190 23.35 4.44 14.62
CA GLY A 190 24.42 4.07 13.70
C GLY A 190 24.66 5.08 12.60
N PRO A 191 25.50 4.74 11.60
CA PRO A 191 25.86 5.59 10.47
C PRO A 191 24.93 5.61 9.25
N LEU A 192 23.82 4.87 9.31
CA LEU A 192 22.90 4.81 8.18
C LEU A 192 21.47 5.07 8.61
N TRP A 193 20.76 5.91 7.86
CA TRP A 193 19.36 6.16 8.17
C TRP A 193 18.54 6.59 6.97
N ASP A 194 17.26 6.24 6.98
CA ASP A 194 16.36 6.65 5.91
C ASP A 194 15.17 7.35 6.51
N LEU A 195 14.09 7.50 5.74
CA LEU A 195 12.90 8.19 6.23
C LEU A 195 12.14 7.46 7.34
N ARG A 196 12.43 6.18 7.55
CA ARG A 196 11.75 5.42 8.58
C ARG A 196 12.60 5.05 9.80
N PHE A 197 13.84 4.65 9.58
CA PHE A 197 14.70 4.23 10.69
C PHE A 197 16.13 4.72 10.65
N ARG A 198 16.79 4.63 11.80
CA ARG A 198 18.20 4.93 11.89
C ARG A 198 18.73 3.55 12.25
N TYR A 199 19.66 3.04 11.47
CA TYR A 199 20.20 1.70 11.67
C TYR A 199 21.51 1.63 12.44
N GLN A 200 21.74 0.47 13.06
CA GLN A 200 22.98 0.25 13.80
C GLN A 200 23.34 -1.22 13.81
N ASP A 201 24.64 -1.50 13.71
CA ASP A 201 25.15 -2.86 13.70
C ASP A 201 24.77 -3.56 15.00
N GLY A 202 24.13 -4.72 14.87
CA GLY A 202 23.72 -5.48 16.04
C GLY A 202 22.67 -4.77 16.88
N GLY A 203 22.01 -3.77 16.29
CA GLY A 203 21.00 -3.03 17.00
C GLY A 203 19.74 -3.83 17.31
N ALA A 204 18.92 -3.31 18.21
CA ALA A 204 17.70 -3.99 18.59
C ALA A 204 16.65 -3.92 17.50
N SER A 205 15.72 -4.86 17.56
CA SER A 205 14.59 -4.93 16.64
C SER A 205 13.52 -4.03 17.28
N PRO A 206 12.62 -3.45 16.48
CA PRO A 206 11.60 -2.59 17.10
C PRO A 206 10.62 -3.39 17.97
N PRO A 207 10.07 -2.77 19.02
CA PRO A 207 9.11 -3.45 19.90
C PRO A 207 7.76 -3.68 19.22
N PRO A 208 7.28 -4.93 19.19
CA PRO A 208 5.99 -5.20 18.55
C PRO A 208 4.81 -4.80 19.44
N PRO A 209 3.68 -4.44 18.84
CA PRO A 209 2.52 -4.07 19.66
C PRO A 209 1.93 -5.35 20.23
N PRO A 210 1.17 -5.26 21.33
CA PRO A 210 0.57 -6.44 21.95
C PRO A 210 -0.13 -7.39 20.97
N ALA A 211 -0.94 -6.83 20.08
CA ALA A 211 -1.66 -7.64 19.10
C ALA A 211 -0.73 -8.52 18.27
N PHE A 212 0.42 -7.98 17.89
CA PHE A 212 1.37 -8.75 17.10
C PHE A 212 2.01 -9.88 17.90
N LEU A 213 2.32 -9.62 19.16
CA LEU A 213 2.92 -10.65 20.00
C LEU A 213 1.93 -11.79 20.16
N ARG A 214 0.64 -11.44 20.24
CA ARG A 214 -0.40 -12.45 20.40
C ARG A 214 -0.52 -13.36 19.19
N LEU A 215 -0.71 -12.81 17.99
CA LEU A 215 -0.86 -13.68 16.82
C LEU A 215 0.43 -14.39 16.44
N ALA A 216 1.56 -13.89 16.91
CA ALA A 216 2.86 -14.50 16.61
C ALA A 216 2.93 -15.89 17.24
N ARG A 217 2.24 -16.06 18.36
CA ARG A 217 2.23 -17.35 19.05
C ARG A 217 1.58 -18.43 18.19
N VAL A 218 0.66 -18.02 17.33
CA VAL A 218 -0.03 -18.96 16.46
C VAL A 218 0.43 -18.78 15.01
N LEU A 219 -0.33 -19.34 14.08
CA LEU A 219 -0.03 -19.28 12.65
C LEU A 219 1.30 -19.96 12.32
N MET B 1 -17.36 13.32 13.31
CA MET B 1 -16.05 13.01 12.68
C MET B 1 -15.20 14.27 12.65
N GLU B 2 -13.91 14.10 12.40
CA GLU B 2 -12.98 15.23 12.37
C GLU B 2 -12.31 15.40 11.01
N VAL B 3 -12.46 16.58 10.43
CA VAL B 3 -11.85 16.88 9.15
C VAL B 3 -10.58 17.68 9.40
N HIS B 4 -9.43 17.08 9.13
CA HIS B 4 -8.15 17.75 9.30
C HIS B 4 -7.72 18.22 7.92
N ALA B 5 -8.37 19.30 7.48
CA ALA B 5 -8.14 19.89 6.16
C ALA B 5 -6.69 20.19 5.81
N ALA B 6 -6.00 20.93 6.66
CA ALA B 6 -4.61 21.30 6.41
C ALA B 6 -3.70 20.09 6.27
N ASP B 7 -3.90 19.10 7.13
CA ASP B 7 -3.08 17.89 7.12
C ASP B 7 -3.63 16.83 6.17
N GLN B 8 -4.76 17.16 5.55
CA GLN B 8 -5.42 16.30 4.61
C GLN B 8 -5.71 14.87 5.10
N TYR B 9 -6.48 14.78 6.18
CA TYR B 9 -6.89 13.48 6.69
C TYR B 9 -8.20 13.61 7.46
N LEU B 10 -8.87 12.49 7.60
CA LEU B 10 -10.16 12.44 8.25
C LEU B 10 -10.23 11.40 9.36
N VAL B 11 -10.87 11.77 10.46
CA VAL B 11 -11.06 10.85 11.58
C VAL B 11 -12.57 10.65 11.70
N ALA B 12 -13.02 9.41 11.52
CA ALA B 12 -14.44 9.14 11.58
C ALA B 12 -14.77 7.80 12.22
N PRO B 13 -15.98 7.69 12.79
CA PRO B 13 -16.43 6.45 13.43
C PRO B 13 -16.70 5.39 12.36
N GLY B 14 -16.50 4.12 12.71
CA GLY B 14 -16.75 3.07 11.75
C GLY B 14 -18.14 3.12 11.16
N GLU B 15 -19.10 3.54 11.97
CA GLU B 15 -20.50 3.62 11.56
C GLU B 15 -20.87 4.83 10.69
N ALA B 16 -19.90 5.70 10.40
CA ALA B 16 -20.19 6.87 9.57
C ALA B 16 -20.58 6.41 8.17
N ASP B 17 -21.61 7.04 7.60
CA ASP B 17 -22.05 6.68 6.25
C ASP B 17 -21.09 7.27 5.22
N LEU B 18 -20.98 6.60 4.09
CA LEU B 18 -20.10 7.05 3.02
C LEU B 18 -20.54 8.41 2.46
N LEU B 19 -21.85 8.60 2.29
CA LEU B 19 -22.35 9.87 1.77
C LEU B 19 -22.30 10.92 2.86
N GLU B 20 -22.35 10.47 4.11
CA GLU B 20 -22.27 11.38 5.26
C GLU B 20 -20.89 12.04 5.18
N VAL B 21 -19.86 11.23 4.91
CA VAL B 21 -18.49 11.73 4.79
C VAL B 21 -18.39 12.72 3.61
N HIS B 22 -18.91 12.33 2.46
CA HIS B 22 -18.86 13.22 1.29
C HIS B 22 -19.57 14.54 1.58
N ALA B 23 -20.70 14.46 2.27
CA ALA B 23 -21.47 15.66 2.61
C ALA B 23 -20.62 16.58 3.49
N ARG B 24 -19.86 16.00 4.41
CA ARG B 24 -19.03 16.79 5.31
C ARG B 24 -17.85 17.44 4.61
N LEU B 25 -17.40 16.83 3.52
CA LEU B 25 -16.27 17.35 2.76
C LEU B 25 -16.70 18.33 1.67
N ALA B 26 -18.01 18.57 1.58
CA ALA B 26 -18.54 19.48 0.59
C ALA B 26 -17.90 20.86 0.69
N GLY B 27 -17.29 21.31 -0.42
CA GLY B 27 -16.64 22.60 -0.45
C GLY B 27 -15.28 22.71 0.21
N THR B 28 -14.76 21.60 0.71
CA THR B 28 -13.46 21.61 1.37
C THR B 28 -12.30 21.47 0.40
N GLY B 29 -12.57 20.91 -0.77
CA GLY B 29 -11.51 20.71 -1.74
C GLY B 29 -10.73 19.45 -1.43
N LEU B 30 -11.27 18.65 -0.50
CA LEU B 30 -10.66 17.39 -0.10
C LEU B 30 -11.57 16.22 -0.42
N PHE B 31 -10.99 15.09 -0.81
CA PHE B 31 -11.76 13.91 -1.18
C PHE B 31 -11.36 12.63 -0.46
N PRO B 32 -12.35 11.80 -0.11
CA PRO B 32 -12.08 10.54 0.59
C PRO B 32 -11.71 9.43 -0.39
N PRO B 33 -11.17 8.31 0.12
CA PRO B 33 -10.79 7.22 -0.76
C PRO B 33 -11.95 6.33 -1.23
N PHE B 34 -13.08 6.96 -1.56
CA PHE B 34 -14.25 6.25 -2.05
C PHE B 34 -15.19 7.21 -2.77
N PRO B 35 -15.91 6.71 -3.78
CA PRO B 35 -16.85 7.54 -4.56
C PRO B 35 -18.15 7.85 -3.81
N PRO B 36 -18.97 8.76 -4.37
CA PRO B 36 -20.25 9.15 -3.74
C PRO B 36 -21.29 8.05 -3.92
N VAL B 37 -21.02 6.90 -3.32
CA VAL B 37 -21.91 5.76 -3.41
C VAL B 37 -22.11 5.14 -2.02
N GLU B 38 -23.35 5.10 -1.55
CA GLU B 38 -23.61 4.52 -0.24
C GLU B 38 -23.69 3.01 -0.34
N LEU B 39 -23.00 2.34 0.57
CA LEU B 39 -22.96 0.89 0.62
C LEU B 39 -23.15 0.43 2.06
N PRO B 40 -23.70 -0.78 2.25
CA PRO B 40 -23.92 -1.32 3.59
C PRO B 40 -22.62 -1.34 4.39
N GLY B 41 -22.70 -1.02 5.68
CA GLY B 41 -21.51 -1.06 6.52
C GLY B 41 -20.79 0.26 6.76
N GLY B 42 -21.09 1.28 5.98
CA GLY B 42 -20.45 2.58 6.16
C GLY B 42 -18.94 2.58 5.94
N VAL B 43 -18.24 3.50 6.58
CA VAL B 43 -16.79 3.58 6.43
C VAL B 43 -16.08 2.36 6.98
N GLY B 44 -16.56 1.85 8.11
CA GLY B 44 -15.94 0.69 8.72
C GLY B 44 -16.02 -0.53 7.83
N GLY B 45 -17.21 -0.77 7.27
CA GLY B 45 -17.40 -1.90 6.38
C GLY B 45 -16.58 -1.77 5.11
N LEU B 46 -16.52 -0.56 4.58
CA LEU B 46 -15.73 -0.32 3.37
C LEU B 46 -14.27 -0.69 3.61
N VAL B 47 -13.74 -0.24 4.73
CA VAL B 47 -12.36 -0.53 5.08
C VAL B 47 -12.16 -2.03 5.23
N ALA B 48 -13.10 -2.69 5.89
CA ALA B 48 -13.04 -4.14 6.10
C ALA B 48 -13.03 -4.90 4.78
N ARG B 49 -13.73 -4.38 3.77
CA ARG B 49 -13.76 -5.04 2.47
C ARG B 49 -12.55 -4.68 1.63
N GLY B 50 -11.77 -3.71 2.10
CA GLY B 50 -10.59 -3.29 1.37
C GLY B 50 -10.89 -2.26 0.29
N GLY B 51 -11.97 -1.50 0.48
CA GLY B 51 -12.32 -0.47 -0.48
C GLY B 51 -13.36 -0.88 -1.51
N PHE B 52 -13.79 0.11 -2.29
CA PHE B 52 -14.78 -0.08 -3.35
C PHE B 52 -14.45 0.80 -4.54
N ALA B 53 -14.49 0.20 -5.73
CA ALA B 53 -14.27 0.91 -6.98
C ALA B 53 -12.91 1.58 -7.22
N GLN B 54 -11.93 1.35 -6.35
CA GLN B 54 -10.63 1.98 -6.53
C GLN B 54 -9.85 1.50 -7.75
N THR B 55 -9.02 2.37 -8.30
CA THR B 55 -8.17 2.02 -9.43
C THR B 55 -6.74 2.16 -8.89
N PHE B 56 -6.64 2.41 -7.57
CA PHE B 56 -5.37 2.59 -6.88
C PHE B 56 -5.28 1.62 -5.70
N PHE B 57 -4.12 1.58 -5.05
CA PHE B 57 -3.91 0.70 -3.90
C PHE B 57 -4.56 1.30 -2.64
N PHE B 58 -5.79 0.87 -2.35
CA PHE B 58 -6.57 1.37 -1.22
C PHE B 58 -5.97 1.33 0.20
N PRO B 59 -5.41 0.18 0.63
CA PRO B 59 -4.84 0.07 1.99
C PRO B 59 -3.91 1.20 2.44
N ALA B 60 -3.13 1.77 1.52
CA ALA B 60 -2.21 2.84 1.89
C ALA B 60 -2.95 4.14 2.25
N GLU B 61 -4.22 4.24 1.88
CA GLU B 61 -5.02 5.42 2.19
C GLU B 61 -5.60 5.35 3.60
N VAL B 62 -5.42 4.20 4.26
CA VAL B 62 -5.89 4.02 5.62
C VAL B 62 -4.67 4.28 6.50
N LEU B 63 -4.72 5.38 7.26
CA LEU B 63 -3.61 5.78 8.13
C LEU B 63 -3.66 5.21 9.54
N GLY B 64 -4.85 4.85 9.99
CA GLY B 64 -4.95 4.30 11.32
C GLY B 64 -6.37 3.87 11.60
N LEU B 65 -6.55 3.11 12.66
CA LEU B 65 -7.87 2.65 13.01
C LEU B 65 -7.88 1.98 14.37
N THR B 66 -9.06 1.90 14.96
CA THR B 66 -9.25 1.26 16.23
C THR B 66 -10.40 0.29 16.01
N PHE B 67 -10.14 -1.00 16.19
CA PHE B 67 -11.20 -1.97 16.01
C PHE B 67 -11.42 -2.82 17.25
N ARG B 68 -12.60 -3.44 17.32
CA ARG B 68 -13.00 -4.27 18.44
C ARG B 68 -13.03 -5.73 17.97
N THR B 69 -12.18 -6.57 18.57
CA THR B 69 -12.12 -7.97 18.18
C THR B 69 -13.41 -8.69 18.53
N PRO B 70 -13.63 -9.87 17.93
CA PRO B 70 -14.84 -10.65 18.20
C PRO B 70 -14.88 -11.13 19.65
N LYS B 71 -13.84 -10.79 20.41
CA LYS B 71 -13.75 -11.19 21.81
C LYS B 71 -13.95 -10.00 22.74
N GLY B 72 -14.04 -8.80 22.17
CA GLY B 72 -14.24 -7.61 22.98
C GLY B 72 -12.98 -6.78 23.24
N ARG B 73 -11.87 -7.21 22.68
CA ARG B 73 -10.60 -6.51 22.87
C ARG B 73 -10.45 -5.33 21.91
N ARG B 74 -10.03 -4.18 22.44
CA ARG B 74 -9.84 -2.99 21.63
C ARG B 74 -8.40 -2.96 21.12
N VAL B 75 -8.24 -2.81 19.80
CA VAL B 75 -6.92 -2.79 19.19
C VAL B 75 -6.72 -1.50 18.39
N ARG B 76 -5.66 -0.78 18.69
CA ARG B 76 -5.35 0.46 17.98
C ARG B 76 -4.26 0.17 16.97
N ALA B 77 -4.40 0.70 15.76
CA ALA B 77 -3.41 0.48 14.71
C ALA B 77 -3.03 1.77 14.01
N GLY B 78 -1.74 1.92 13.72
CA GLY B 78 -1.25 3.10 13.02
C GLY B 78 -1.52 4.40 13.76
N GLY B 79 -1.79 5.46 13.01
CA GLY B 79 -2.07 6.74 13.64
C GLY B 79 -1.40 7.88 12.90
N VAL B 80 -1.69 9.11 13.30
CA VAL B 80 -1.09 10.27 12.66
C VAL B 80 -0.27 11.10 13.65
N VAL B 81 -0.93 11.62 14.68
CA VAL B 81 -0.27 12.45 15.68
C VAL B 81 0.69 11.63 16.53
N VAL B 82 0.31 10.40 16.86
CA VAL B 82 1.19 9.53 17.64
C VAL B 82 1.30 8.15 17.01
N LYS B 83 2.54 7.65 16.93
CA LYS B 83 2.82 6.34 16.36
C LYS B 83 4.16 5.82 16.87
N ASN B 84 4.24 4.51 17.04
CA ASN B 84 5.47 3.87 17.52
C ASN B 84 6.51 3.80 16.40
N VAL B 85 7.66 3.19 16.69
CA VAL B 85 8.75 3.07 15.73
C VAL B 85 8.38 2.30 14.45
N GLN B 86 7.08 2.25 14.16
CA GLN B 86 6.53 1.58 12.98
C GLN B 86 6.97 0.15 12.74
N GLY B 87 6.38 -0.46 11.71
CA GLY B 87 6.62 -1.84 11.40
C GLY B 87 5.42 -2.51 12.03
N TYR B 88 5.30 -3.83 11.93
CA TYR B 88 4.16 -4.51 12.53
C TYR B 88 2.89 -3.81 12.03
N ASP B 89 2.56 -4.07 10.78
CA ASP B 89 1.44 -3.44 10.10
C ASP B 89 0.02 -3.88 10.50
N LEU B 90 -0.45 -3.40 11.64
CA LEU B 90 -1.79 -3.74 12.11
C LEU B 90 -2.88 -3.11 11.26
N VAL B 91 -2.55 -2.03 10.57
CA VAL B 91 -3.54 -1.37 9.72
C VAL B 91 -3.89 -2.25 8.53
N ARG B 92 -2.89 -2.64 7.74
CA ARG B 92 -3.15 -3.50 6.58
C ARG B 92 -3.68 -4.87 6.97
N LEU B 93 -3.41 -5.28 8.21
CA LEU B 93 -3.91 -6.57 8.69
C LEU B 93 -5.44 -6.53 8.73
N PHE B 94 -5.96 -5.40 9.19
CA PHE B 94 -7.40 -5.22 9.29
C PHE B 94 -8.04 -4.87 7.96
N VAL B 95 -7.37 -4.05 7.16
CA VAL B 95 -7.94 -3.68 5.87
C VAL B 95 -8.11 -4.93 5.02
N GLY B 96 -9.34 -5.16 4.56
CA GLY B 96 -9.59 -6.32 3.74
C GLY B 96 -9.80 -7.59 4.56
N SER B 97 -10.03 -7.43 5.87
CA SER B 97 -10.25 -8.59 6.74
C SER B 97 -11.73 -9.02 6.78
N PHE B 98 -12.58 -8.30 6.06
CA PHE B 98 -14.01 -8.61 5.95
C PHE B 98 -14.79 -8.91 7.23
N GLY B 99 -14.40 -8.30 8.34
CA GLY B 99 -15.11 -8.53 9.59
C GLY B 99 -14.59 -9.68 10.43
N LEU B 100 -13.72 -10.50 9.88
CA LEU B 100 -13.17 -11.66 10.59
C LEU B 100 -12.43 -11.27 11.87
N LEU B 101 -11.85 -10.07 11.88
CA LEU B 101 -11.11 -9.60 13.04
C LEU B 101 -11.93 -8.65 13.92
N GLY B 102 -13.20 -8.46 13.59
CA GLY B 102 -14.02 -7.55 14.37
C GLY B 102 -14.43 -6.35 13.56
N ARG B 103 -15.03 -5.35 14.20
CA ARG B 103 -15.46 -4.16 13.47
C ARG B 103 -14.67 -2.94 13.85
N ALA B 104 -14.46 -2.07 12.87
CA ALA B 104 -13.71 -0.85 13.10
C ALA B 104 -14.58 0.14 13.85
N GLU B 105 -14.08 0.62 14.97
CA GLU B 105 -14.81 1.59 15.77
C GLU B 105 -14.47 3.00 15.33
N GLU B 106 -13.24 3.16 14.84
CA GLU B 106 -12.76 4.45 14.36
C GLU B 106 -11.78 4.21 13.20
N VAL B 107 -11.84 5.06 12.19
CA VAL B 107 -10.94 4.92 11.07
C VAL B 107 -10.31 6.27 10.72
N VAL B 108 -9.03 6.26 10.39
CA VAL B 108 -8.33 7.48 10.00
C VAL B 108 -7.95 7.30 8.55
N LEU B 109 -8.51 8.15 7.69
CA LEU B 109 -8.25 8.05 6.27
C LEU B 109 -7.57 9.27 5.69
N ARG B 110 -6.72 9.02 4.70
CA ARG B 110 -6.03 10.09 3.99
C ARG B 110 -7.06 10.71 3.06
N LEU B 111 -6.94 12.01 2.86
CA LEU B 111 -7.81 12.75 1.97
C LEU B 111 -6.92 13.32 0.87
N ARG B 112 -7.43 13.38 -0.36
CA ARG B 112 -6.65 13.89 -1.48
C ARG B 112 -7.23 15.22 -1.97
N PRO B 113 -6.37 16.15 -2.41
CA PRO B 113 -6.84 17.44 -2.91
C PRO B 113 -7.38 17.40 -4.33
N GLY B 114 -8.35 18.27 -4.62
CA GLY B 114 -8.94 18.34 -5.95
C GLY B 114 -9.71 19.63 -6.14
N ARG B 115 -9.39 20.39 -7.17
CA ARG B 115 -10.08 21.64 -7.44
C ARG B 115 -11.40 21.38 -8.14
N ALA B 116 -11.48 20.24 -8.81
CA ALA B 116 -12.69 19.86 -9.53
C ALA B 116 -12.99 18.38 -9.35
N GLN B 117 -14.22 18.00 -9.65
CA GLN B 117 -14.65 16.61 -9.52
C GLN B 117 -15.72 16.33 -10.57
N ALA B 118 -15.86 15.05 -10.92
CA ALA B 118 -16.87 14.64 -11.89
C ALA B 118 -17.26 13.19 -11.66
N PHE B 119 -18.56 12.97 -11.48
CA PHE B 119 -19.11 11.64 -11.28
C PHE B 119 -19.96 11.43 -12.53
N LEU B 120 -19.51 10.52 -13.39
CA LEU B 120 -20.19 10.25 -14.65
C LEU B 120 -20.59 8.79 -14.82
N ARG B 121 -21.48 8.54 -15.78
CA ARG B 121 -21.95 7.20 -16.09
C ARG B 121 -22.24 7.13 -17.59
N ARG B 122 -22.01 5.97 -18.18
CA ARG B 122 -22.28 5.77 -19.60
C ARG B 122 -22.58 4.29 -19.80
N PRO B 123 -23.28 3.93 -20.90
CA PRO B 123 -23.60 2.53 -21.16
C PRO B 123 -22.35 1.65 -21.13
N PHE B 124 -22.44 0.53 -20.44
CA PHE B 124 -21.33 -0.41 -20.29
C PHE B 124 -21.15 -1.25 -21.55
N SER B 125 -19.95 -1.79 -21.76
CA SER B 125 -19.68 -2.59 -22.96
C SER B 125 -19.02 -3.94 -22.69
N GLY B 126 -19.17 -4.48 -21.50
CA GLY B 126 -18.56 -5.78 -21.21
C GLY B 126 -17.34 -5.71 -20.32
N SER B 127 -16.27 -5.06 -20.79
CA SER B 127 -15.04 -4.95 -20.01
C SER B 127 -14.72 -3.51 -19.62
N PHE B 128 -13.92 -3.36 -18.56
CA PHE B 128 -13.52 -2.03 -18.10
C PHE B 128 -12.52 -1.44 -19.09
N PRO B 129 -12.75 -0.21 -19.54
CA PRO B 129 -11.84 0.44 -20.49
C PRO B 129 -10.62 1.07 -19.82
N ARG B 130 -9.56 1.27 -20.60
CA ARG B 130 -8.35 1.89 -20.08
C ARG B 130 -8.42 3.37 -20.45
N LEU B 131 -8.95 4.17 -19.53
CA LEU B 131 -9.11 5.59 -19.76
C LEU B 131 -7.84 6.39 -19.49
N VAL B 132 -7.78 7.58 -20.08
CA VAL B 132 -6.66 8.49 -19.89
C VAL B 132 -7.22 9.91 -19.81
N PRO B 133 -7.08 10.55 -18.63
CA PRO B 133 -6.42 10.02 -17.44
C PRO B 133 -7.28 8.94 -16.76
N THR B 134 -6.62 8.11 -15.97
CA THR B 134 -7.32 7.04 -15.25
C THR B 134 -8.12 7.66 -14.12
N PRO B 135 -9.44 7.41 -14.08
CA PRO B 135 -10.23 7.99 -12.99
C PRO B 135 -9.87 7.28 -11.70
N ARG B 136 -9.95 7.99 -10.58
CA ARG B 136 -9.63 7.41 -9.29
C ARG B 136 -10.56 6.25 -8.95
N PHE B 137 -11.78 6.29 -9.48
CA PHE B 137 -12.77 5.24 -9.22
C PHE B 137 -13.52 4.85 -10.49
N LEU B 138 -13.77 3.54 -10.61
CA LEU B 138 -14.46 2.98 -11.75
C LEU B 138 -15.23 1.74 -11.30
N PHE B 139 -16.49 1.63 -11.72
CA PHE B 139 -17.27 0.45 -11.38
C PHE B 139 -18.44 0.30 -12.34
N ALA B 140 -19.03 -0.90 -12.36
CA ALA B 140 -20.16 -1.17 -13.22
C ALA B 140 -21.37 -1.48 -12.37
N LEU B 141 -22.54 -1.04 -12.84
CA LEU B 141 -23.80 -1.26 -12.14
C LEU B 141 -24.95 -1.43 -13.13
N GLU B 142 -25.71 -2.51 -12.96
CA GLU B 142 -26.87 -2.80 -13.81
C GLU B 142 -28.09 -2.14 -13.19
N ASP B 143 -28.72 -1.26 -13.96
CA ASP B 143 -29.90 -0.50 -13.51
C ASP B 143 -31.19 -1.09 -14.05
N GLU B 144 -31.10 -2.23 -14.71
CA GLU B 144 -32.26 -2.90 -15.30
C GLU B 144 -32.57 -2.31 -16.66
N GLU B 145 -31.78 -1.30 -17.03
CA GLU B 145 -31.92 -0.64 -18.32
C GLU B 145 -30.65 -1.00 -19.07
N GLY B 146 -29.93 -1.97 -18.50
CA GLY B 146 -28.69 -2.41 -19.08
C GLY B 146 -27.55 -2.05 -18.14
N PRO B 147 -26.34 -2.55 -18.39
CA PRO B 147 -25.23 -2.21 -17.50
C PRO B 147 -24.81 -0.74 -17.67
N TRP B 148 -24.24 -0.18 -16.61
CA TRP B 148 -23.76 1.20 -16.64
C TRP B 148 -22.34 1.23 -16.09
N LEU B 149 -21.46 1.92 -16.80
CA LEU B 149 -20.09 2.07 -16.35
C LEU B 149 -20.07 3.43 -15.64
N TYR B 150 -19.69 3.43 -14.37
CA TYR B 150 -19.61 4.64 -13.58
C TYR B 150 -18.16 5.00 -13.33
N ALA B 151 -17.86 6.29 -13.36
CA ALA B 151 -16.50 6.75 -13.12
C ALA B 151 -16.54 8.02 -12.27
N TYR B 152 -15.65 8.08 -11.28
CA TYR B 152 -15.58 9.23 -10.40
C TYR B 152 -14.12 9.69 -10.34
N HIS B 153 -13.89 10.98 -10.58
CA HIS B 153 -12.53 11.49 -10.54
C HIS B 153 -12.47 12.91 -10.01
N PHE B 154 -11.32 13.28 -9.47
CA PHE B 154 -11.12 14.61 -8.94
C PHE B 154 -9.66 14.99 -9.09
N GLY B 155 -9.40 16.30 -9.07
CA GLY B 155 -8.04 16.80 -9.20
C GLY B 155 -8.08 18.20 -9.79
N HIS B 156 -7.06 18.56 -10.54
CA HIS B 156 -7.02 19.88 -11.17
C HIS B 156 -8.11 19.96 -12.23
N PRO B 157 -8.77 21.13 -12.35
CA PRO B 157 -9.85 21.33 -13.32
C PRO B 157 -9.45 20.87 -14.73
N LYS B 158 -8.16 20.97 -15.02
CA LYS B 158 -7.62 20.58 -16.32
C LYS B 158 -7.64 19.06 -16.50
N GLU B 159 -7.28 18.34 -15.45
CA GLU B 159 -7.27 16.88 -15.54
C GLU B 159 -8.70 16.36 -15.57
N VAL B 160 -9.57 17.00 -14.79
CA VAL B 160 -10.97 16.62 -14.72
C VAL B 160 -11.67 16.89 -16.07
N GLU B 161 -11.45 18.08 -16.62
CA GLU B 161 -12.04 18.44 -17.90
C GLU B 161 -11.58 17.39 -18.91
N ARG B 162 -10.32 17.03 -18.80
CA ARG B 162 -9.70 16.02 -19.66
C ARG B 162 -10.42 14.69 -19.47
N PHE B 163 -10.74 14.38 -18.21
CA PHE B 163 -11.44 13.15 -17.88
C PHE B 163 -12.80 13.14 -18.58
N ARG B 164 -13.57 14.20 -18.39
CA ARG B 164 -14.89 14.33 -18.99
C ARG B 164 -14.84 14.10 -20.51
N GLU B 165 -13.84 14.69 -21.16
CA GLU B 165 -13.68 14.58 -22.60
C GLU B 165 -13.31 13.18 -23.07
N ALA B 166 -12.70 12.39 -22.20
CA ALA B 166 -12.31 11.04 -22.57
C ALA B 166 -13.40 10.02 -22.25
N PHE B 167 -14.20 10.31 -21.23
CA PHE B 167 -15.27 9.42 -20.79
C PHE B 167 -16.61 9.68 -21.45
N GLY B 168 -17.00 10.95 -21.53
CA GLY B 168 -18.28 11.30 -22.12
C GLY B 168 -19.39 10.98 -21.13
N GLY B 169 -20.42 10.29 -21.60
CA GLY B 169 -21.52 9.91 -20.72
C GLY B 169 -22.31 11.08 -20.17
N GLU B 170 -22.90 10.89 -19.00
CA GLU B 170 -23.69 11.94 -18.38
C GLU B 170 -23.38 12.04 -16.89
N GLU B 171 -23.59 13.23 -16.33
CA GLU B 171 -23.34 13.47 -14.92
C GLU B 171 -24.27 12.57 -14.11
N ALA B 172 -23.76 12.02 -13.03
CA ALA B 172 -24.55 11.16 -12.16
C ALA B 172 -24.54 11.73 -10.75
N ARG B 173 -25.68 11.61 -10.07
CA ARG B 173 -25.80 12.10 -8.70
C ARG B 173 -25.39 10.98 -7.75
N PRO B 174 -25.09 11.32 -6.50
CA PRO B 174 -24.69 10.30 -5.53
C PRO B 174 -25.69 9.15 -5.49
N LEU B 175 -25.17 7.93 -5.43
CA LEU B 175 -25.99 6.73 -5.39
C LEU B 175 -26.07 6.11 -4.00
N ASP B 176 -27.21 5.50 -3.69
CA ASP B 176 -27.39 4.81 -2.42
C ASP B 176 -27.81 3.41 -2.85
N LEU B 177 -26.89 2.46 -2.75
CA LEU B 177 -27.16 1.07 -3.16
C LEU B 177 -27.60 0.14 -2.03
N ARG B 178 -27.72 0.68 -0.82
CA ARG B 178 -28.15 -0.14 0.31
C ARG B 178 -29.47 -0.87 0.01
N PRO B 179 -30.44 -0.18 -0.65
CA PRO B 179 -31.73 -0.82 -0.96
C PRO B 179 -31.59 -2.05 -1.85
N ARG B 180 -30.47 -2.17 -2.55
CA ARG B 180 -30.27 -3.31 -3.44
C ARG B 180 -29.41 -4.41 -2.83
N PHE B 181 -28.97 -4.20 -1.59
CA PHE B 181 -28.15 -5.18 -0.87
C PHE B 181 -28.63 -5.30 0.57
N PRO B 182 -29.95 -5.51 0.76
CA PRO B 182 -30.56 -5.65 2.09
C PRO B 182 -29.99 -6.77 2.95
N ARG B 183 -29.50 -7.83 2.31
CA ARG B 183 -28.94 -8.95 3.05
C ARG B 183 -27.43 -8.81 3.23
N GLY B 184 -26.88 -7.70 2.76
CA GLY B 184 -25.46 -7.47 2.90
C GLY B 184 -24.72 -7.45 1.57
N LEU B 185 -23.62 -6.70 1.54
CA LEU B 185 -22.82 -6.58 0.32
C LEU B 185 -21.78 -7.70 0.29
N GLY B 186 -22.20 -8.88 -0.16
CA GLY B 186 -21.31 -10.02 -0.25
C GLY B 186 -20.77 -10.18 -1.67
N LEU B 187 -20.13 -11.32 -1.93
CA LEU B 187 -19.58 -11.58 -3.25
C LEU B 187 -20.44 -12.57 -4.02
N GLY B 188 -20.55 -12.36 -5.33
CA GLY B 188 -21.35 -13.23 -6.16
C GLY B 188 -21.69 -12.57 -7.48
N GLU B 189 -22.49 -13.25 -8.30
CA GLU B 189 -22.89 -12.74 -9.60
C GLU B 189 -24.03 -11.73 -9.50
N GLY B 190 -23.74 -10.60 -8.88
CA GLY B 190 -24.75 -9.57 -8.69
C GLY B 190 -24.67 -8.45 -9.71
N PRO B 191 -25.47 -7.40 -9.53
CA PRO B 191 -25.52 -6.24 -10.44
C PRO B 191 -24.42 -5.20 -10.27
N LEU B 192 -23.48 -5.45 -9.37
CA LEU B 192 -22.41 -4.48 -9.13
C LEU B 192 -21.03 -5.11 -9.14
N TRP B 193 -20.06 -4.44 -9.77
CA TRP B 193 -18.71 -4.95 -9.77
C TRP B 193 -17.65 -3.89 -10.05
N ASP B 194 -16.47 -4.09 -9.48
CA ASP B 194 -15.35 -3.19 -9.68
C ASP B 194 -14.15 -4.03 -10.09
N LEU B 195 -12.97 -3.43 -10.11
CA LEU B 195 -11.77 -4.15 -10.53
C LEU B 195 -11.40 -5.34 -9.64
N ARG B 196 -11.92 -5.39 -8.43
CA ARG B 196 -11.60 -6.50 -7.53
C ARG B 196 -12.67 -7.57 -7.41
N PHE B 197 -13.92 -7.14 -7.20
CA PHE B 197 -15.01 -8.09 -7.00
C PHE B 197 -16.28 -7.81 -7.78
N ARG B 198 -17.13 -8.83 -7.80
CA ARG B 198 -18.47 -8.74 -8.36
C ARG B 198 -19.28 -9.00 -7.09
N TYR B 199 -20.15 -8.05 -6.75
CA TYR B 199 -20.95 -8.14 -5.52
C TYR B 199 -22.35 -8.70 -5.71
N GLN B 200 -22.88 -9.31 -4.65
CA GLN B 200 -24.22 -9.86 -4.69
C GLN B 200 -24.90 -9.76 -3.32
N ASP B 201 -26.20 -9.47 -3.36
CA ASP B 201 -26.99 -9.33 -2.16
C ASP B 201 -26.99 -10.66 -1.38
N GLY B 202 -26.51 -10.61 -0.14
CA GLY B 202 -26.45 -11.80 0.67
C GLY B 202 -25.41 -12.79 0.22
N GLY B 203 -24.46 -12.33 -0.59
CA GLY B 203 -23.43 -13.22 -1.07
C GLY B 203 -22.47 -13.59 0.04
N ALA B 204 -21.76 -14.70 -0.12
CA ALA B 204 -20.83 -15.12 0.91
C ALA B 204 -19.61 -14.21 0.94
N SER B 205 -18.95 -14.18 2.10
CA SER B 205 -17.74 -13.41 2.31
C SER B 205 -16.62 -14.29 1.73
N PRO B 206 -15.53 -13.69 1.25
CA PRO B 206 -14.46 -14.53 0.69
C PRO B 206 -13.82 -15.42 1.76
N PRO B 207 -13.40 -16.63 1.39
CA PRO B 207 -12.78 -17.58 2.32
C PRO B 207 -11.38 -17.15 2.79
N PRO B 208 -11.19 -17.01 4.10
CA PRO B 208 -9.90 -16.60 4.67
C PRO B 208 -8.89 -17.75 4.62
N PRO B 209 -7.59 -17.43 4.46
CA PRO B 209 -6.61 -18.51 4.43
C PRO B 209 -6.41 -19.06 5.83
N PRO B 210 -5.93 -20.30 5.96
CA PRO B 210 -5.70 -20.92 7.27
C PRO B 210 -5.01 -20.01 8.28
N ALA B 211 -3.92 -19.37 7.86
CA ALA B 211 -3.18 -18.48 8.76
C ALA B 211 -4.06 -17.42 9.37
N PHE B 212 -4.92 -16.81 8.56
CA PHE B 212 -5.81 -15.77 9.05
C PHE B 212 -6.81 -16.30 10.04
N LEU B 213 -7.30 -17.51 9.80
CA LEU B 213 -8.25 -18.11 10.72
C LEU B 213 -7.58 -18.31 12.07
N ARG B 214 -6.30 -18.70 12.04
CA ARG B 214 -5.55 -18.94 13.28
C ARG B 214 -5.32 -17.69 14.11
N LEU B 215 -4.82 -16.64 13.47
CA LEU B 215 -4.54 -15.39 14.17
C LEU B 215 -5.81 -14.72 14.72
N ALA B 216 -6.92 -14.89 14.02
CA ALA B 216 -8.18 -14.29 14.44
C ALA B 216 -8.70 -14.83 15.77
N ARG B 217 -8.24 -16.02 16.14
CA ARG B 217 -8.67 -16.63 17.40
C ARG B 217 -7.99 -16.01 18.61
N VAL B 218 -6.80 -15.45 18.40
CA VAL B 218 -6.04 -14.87 19.50
C VAL B 218 -5.97 -13.35 19.55
N LEU B 219 -6.51 -12.67 18.54
CA LEU B 219 -6.47 -11.21 18.53
C LEU B 219 -7.27 -10.59 19.67
#